data_2GCP
#
_entry.id   2GCP
#
_cell.length_a   59.435
_cell.length_b   59.435
_cell.length_c   138.090
_cell.angle_alpha   90.00
_cell.angle_beta   90.00
_cell.angle_gamma   90.00
#
_symmetry.space_group_name_H-M   'P 43 21 2'
#
loop_
_entity.id
_entity.type
_entity.pdbx_description
1 polymer 'Rho-related GTP-binding protein RhoC'
2 non-polymer 'MAGNESIUM ION'
3 non-polymer "5'-GUANOSINE-DIPHOSPHATE-MONOTHIOPHOSPHATE"
4 non-polymer 1,2-ETHANEDIOL
5 water water
#
_entity_poly.entity_id   1
_entity_poly.type   'polypeptide(L)'
_entity_poly.pdbx_seq_one_letter_code
;MGSSHHHHHHSSGLVPRGSHMAAIRKKLVIVGDGACGKTCLLIVFSKDQFPEVYVPTVFENYIADIEVDGKQVELALWDT
AGQEDYDRLRPLSYPDTDVILMCFSIDSPDSLENIPEKWTPEVKHFCPNVPIILVGNKKDLRQDEHTRRELAKMKQEPVR
SEEGRDMANRISAFGYLECSAKTKEGVREVFEMATRAGLQV
;
_entity_poly.pdbx_strand_id   A
#
# COMPACT_ATOMS: atom_id res chain seq x y z
N ILE A 24 18.36 -7.59 -12.27
CA ILE A 24 17.47 -6.38 -12.39
C ILE A 24 16.97 -5.97 -10.99
N ARG A 25 17.15 -4.68 -10.68
CA ARG A 25 16.77 -4.11 -9.38
C ARG A 25 15.76 -3.01 -9.60
N LYS A 26 14.71 -3.03 -8.79
CA LYS A 26 13.74 -1.93 -8.81
C LYS A 26 13.46 -1.37 -7.41
N LYS A 27 13.27 -0.05 -7.31
CA LYS A 27 12.94 0.59 -6.06
C LYS A 27 11.42 0.75 -5.95
N LEU A 28 10.89 0.21 -4.86
CA LEU A 28 9.48 0.35 -4.56
C LEU A 28 9.28 1.13 -3.25
N VAL A 29 8.43 2.15 -3.28
CA VAL A 29 8.10 2.92 -2.08
C VAL A 29 6.62 2.69 -1.72
N ILE A 30 6.32 2.50 -0.44
CA ILE A 30 4.97 2.26 0.03
C ILE A 30 4.55 3.46 0.90
N VAL A 31 3.32 3.95 0.69
CA VAL A 31 2.80 5.14 1.41
C VAL A 31 1.30 4.93 1.71
N GLY A 32 0.79 5.67 2.68
CA GLY A 32 -0.63 5.56 3.09
C GLY A 32 -0.77 5.81 4.57
N ASP A 33 -2.00 6.05 5.03
CA ASP A 33 -2.30 6.38 6.43
C ASP A 33 -1.63 5.48 7.46
N GLY A 34 -1.30 6.03 8.63
CA GLY A 34 -0.79 5.24 9.74
C GLY A 34 -1.72 4.07 10.05
N ALA A 35 -1.14 2.91 10.38
CA ALA A 35 -1.88 1.67 10.63
C ALA A 35 -2.66 1.03 9.44
N CYS A 36 -2.49 1.49 8.21
CA CYS A 36 -3.29 0.93 7.11
C CYS A 36 -2.75 -0.40 6.63
N GLY A 37 -1.62 -0.85 7.18
CA GLY A 37 -1.08 -2.19 6.85
C GLY A 37 0.17 -2.25 5.96
N LYS A 38 0.87 -1.14 5.79
CA LYS A 38 2.01 -1.07 4.85
C LYS A 38 3.18 -2.00 5.23
N THR A 39 3.64 -1.88 6.48
CA THR A 39 4.76 -2.67 6.95
C THR A 39 4.43 -4.15 6.90
N CYS A 40 3.24 -4.54 7.37
CA CYS A 40 2.86 -5.95 7.34
C CYS A 40 2.88 -6.53 5.91
N LEU A 41 2.42 -5.75 4.94
CA LEU A 41 2.40 -6.17 3.53
C LEU A 41 3.81 -6.46 3.02
N LEU A 42 4.69 -5.50 3.25
CA LEU A 42 6.08 -5.60 2.85
C LEU A 42 6.77 -6.82 3.42
N ILE A 43 6.59 -7.02 4.72
CA ILE A 43 7.27 -8.10 5.46
C ILE A 43 6.71 -9.49 5.18
N VAL A 44 5.39 -9.60 5.05
CA VAL A 44 4.80 -10.87 4.62
C VAL A 44 5.42 -11.30 3.27
N PHE A 45 5.58 -10.37 2.34
CA PHE A 45 6.12 -10.74 1.04
C PHE A 45 7.62 -11.05 1.16
N SER A 46 8.34 -10.14 1.78
CA SER A 46 9.79 -10.21 1.89
C SER A 46 10.28 -11.38 2.76
N LYS A 47 9.64 -11.60 3.91
CA LYS A 47 10.13 -12.56 4.90
C LYS A 47 9.19 -13.75 5.03
N ASP A 48 8.05 -13.68 4.35
CA ASP A 48 7.01 -14.69 4.43
C ASP A 48 6.60 -14.98 5.89
N GLN A 49 6.55 -13.93 6.71
CA GLN A 49 6.10 -13.99 8.09
C GLN A 49 5.29 -12.71 8.39
N PHE A 50 4.20 -12.84 9.09
CA PHE A 50 3.43 -11.68 9.48
C PHE A 50 4.07 -11.12 10.76
N PRO A 51 4.47 -9.82 10.77
CA PRO A 51 5.07 -9.26 12.01
C PRO A 51 4.05 -9.14 13.13
N GLU A 52 4.35 -9.74 14.28
CA GLU A 52 3.35 -9.77 15.32
C GLU A 52 3.34 -8.53 16.18
N VAL A 53 4.46 -7.86 16.29
CA VAL A 53 4.48 -6.66 17.09
C VAL A 53 4.36 -5.47 16.16
N TYR A 54 3.34 -4.66 16.38
CA TYR A 54 3.17 -3.41 15.64
C TYR A 54 4.08 -2.28 16.16
N VAL A 55 5.06 -1.93 15.35
CA VAL A 55 5.97 -0.81 15.60
C VAL A 55 5.74 0.23 14.52
N PRO A 56 5.18 1.39 14.91
CA PRO A 56 4.97 2.49 13.93
C PRO A 56 6.26 2.85 13.17
N THR A 57 6.21 2.99 11.85
CA THR A 57 7.41 3.19 11.03
C THR A 57 7.80 4.66 10.95
N VAL A 58 9.11 4.93 11.07
CA VAL A 58 9.68 6.23 10.70
C VAL A 58 10.19 5.99 9.26
N PHE A 59 11.24 5.20 9.10
CA PHE A 59 11.63 4.67 7.80
CA PHE A 59 11.56 4.63 7.80
C PHE A 59 12.21 3.27 8.01
N GLU A 60 12.13 2.42 6.98
CA GLU A 60 12.69 1.08 7.01
C GLU A 60 12.96 0.63 5.60
N ASN A 61 13.69 -0.49 5.44
CA ASN A 61 14.05 -1.02 4.13
CA ASN A 61 13.98 -1.03 4.11
C ASN A 61 14.15 -2.55 4.17
N TYR A 62 13.58 -3.21 3.17
CA TYR A 62 13.60 -4.67 3.05
C TYR A 62 13.94 -5.03 1.61
N ILE A 63 14.56 -6.18 1.42
CA ILE A 63 14.76 -6.70 0.07
C ILE A 63 13.79 -7.85 -0.13
N ALA A 64 13.26 -7.93 -1.34
CA ALA A 64 12.48 -9.08 -1.76
C ALA A 64 12.94 -9.56 -3.14
N ASP A 65 12.95 -10.87 -3.33
CA ASP A 65 13.16 -11.44 -4.65
C ASP A 65 11.84 -11.88 -5.24
N ILE A 66 11.69 -11.70 -6.53
CA ILE A 66 10.46 -12.11 -7.20
C ILE A 66 10.80 -12.61 -8.60
N GLU A 67 10.16 -13.69 -8.99
CA GLU A 67 10.22 -14.06 -10.38
C GLU A 67 8.83 -13.94 -10.96
N VAL A 68 8.72 -13.08 -11.95
CA VAL A 68 7.43 -12.88 -12.56
C VAL A 68 7.63 -12.98 -14.08
N ASP A 69 6.78 -13.78 -14.74
CA ASP A 69 6.82 -13.99 -16.19
C ASP A 69 8.21 -14.38 -16.68
N GLY A 70 8.84 -15.31 -15.94
CA GLY A 70 10.17 -15.78 -16.30
C GLY A 70 11.33 -14.82 -16.04
N LYS A 71 11.04 -13.68 -15.41
CA LYS A 71 12.04 -12.60 -15.16
C LYS A 71 12.37 -12.45 -13.66
N GLN A 72 13.66 -12.48 -13.32
CA GLN A 72 14.13 -12.33 -11.94
C GLN A 72 14.38 -10.89 -11.57
N VAL A 73 13.67 -10.42 -10.55
CA VAL A 73 13.92 -9.08 -10.09
C VAL A 73 14.11 -8.97 -8.59
N GLU A 74 15.05 -8.11 -8.21
CA GLU A 74 15.29 -7.76 -6.82
C GLU A 74 14.58 -6.46 -6.51
N LEU A 75 13.78 -6.49 -5.47
CA LEU A 75 13.03 -5.32 -5.06
C LEU A 75 13.66 -4.74 -3.79
N ALA A 76 13.98 -3.45 -3.83
CA ALA A 76 14.22 -2.68 -2.62
C ALA A 76 12.90 -2.11 -2.13
N LEU A 77 12.46 -2.52 -0.94
CA LEU A 77 11.15 -2.12 -0.44
C LEU A 77 11.37 -1.01 0.58
N TRP A 78 11.02 0.20 0.20
CA TRP A 78 11.21 1.37 1.05
C TRP A 78 9.92 1.60 1.86
N ASP A 79 10.01 1.42 3.18
CA ASP A 79 8.90 1.63 4.11
C ASP A 79 8.96 3.06 4.68
N THR A 80 7.77 3.67 4.79
CA THR A 80 7.65 5.06 5.14
C THR A 80 6.63 5.21 6.28
N ALA A 81 6.63 6.38 6.90
CA ALA A 81 5.68 6.69 7.99
C ALA A 81 4.29 7.06 7.49
N GLY A 82 3.26 6.42 8.06
CA GLY A 82 1.92 6.87 7.78
C GLY A 82 1.54 8.11 8.57
N GLN A 83 2.21 8.30 9.70
CA GLN A 83 1.85 9.35 10.66
C GLN A 83 2.30 10.71 10.18
N GLU A 84 1.41 11.69 10.36
CA GLU A 84 1.60 13.09 10.00
C GLU A 84 2.83 13.69 10.69
N ASP A 85 3.15 13.22 11.90
CA ASP A 85 4.33 13.70 12.64
C ASP A 85 5.67 13.50 11.90
N TYR A 86 5.73 12.58 10.93
CA TYR A 86 6.99 12.34 10.21
C TYR A 86 6.98 12.81 8.75
N ASP A 87 6.03 13.72 8.44
CA ASP A 87 5.88 14.32 7.10
C ASP A 87 7.18 14.90 6.53
N ARG A 88 8.01 15.52 7.38
CA ARG A 88 9.26 16.16 6.93
C ARG A 88 10.32 15.14 6.53
N LEU A 89 10.33 13.96 7.14
CA LEU A 89 11.29 12.91 6.77
C LEU A 89 10.90 12.10 5.53
N ARG A 90 9.61 12.04 5.20
CA ARG A 90 9.12 11.08 4.21
C ARG A 90 9.65 11.31 2.79
N PRO A 91 9.83 12.59 2.36
CA PRO A 91 10.41 12.79 1.02
C PRO A 91 11.85 12.27 0.81
N LEU A 92 12.58 12.02 1.87
CA LEU A 92 13.89 11.34 1.77
C LEU A 92 13.80 9.92 1.16
N SER A 93 12.61 9.30 1.21
CA SER A 93 12.38 7.99 0.58
C SER A 93 12.09 8.04 -0.90
N TYR A 94 11.66 9.20 -1.41
CA TYR A 94 11.21 9.32 -2.80
C TYR A 94 12.22 9.31 -3.97
N PRO A 95 13.49 9.73 -3.75
CA PRO A 95 14.37 9.75 -4.94
C PRO A 95 14.49 8.43 -5.70
N ASP A 96 14.40 8.50 -7.04
CA ASP A 96 14.61 7.34 -7.95
C ASP A 96 13.66 6.14 -7.73
N THR A 97 12.43 6.44 -7.34
CA THR A 97 11.42 5.42 -7.18
C THR A 97 10.97 4.84 -8.56
N ASP A 98 10.85 3.52 -8.66
CA ASP A 98 10.35 2.89 -9.91
C ASP A 98 8.85 2.63 -9.85
N VAL A 99 8.31 2.39 -8.66
CA VAL A 99 6.88 2.12 -8.46
C VAL A 99 6.43 2.54 -7.04
N ILE A 100 5.24 3.13 -6.95
CA ILE A 100 4.63 3.49 -5.67
C ILE A 100 3.49 2.52 -5.36
N LEU A 101 3.51 1.97 -4.15
CA LEU A 101 2.31 1.29 -3.60
C LEU A 101 1.68 2.31 -2.67
N MET A 102 0.47 2.74 -3.05
CA MET A 102 -0.25 3.72 -2.27
C MET A 102 -1.39 2.98 -1.63
N CYS A 103 -1.37 2.90 -0.29
CA CYS A 103 -2.33 2.08 0.43
C CYS A 103 -3.40 2.80 1.21
N PHE A 104 -4.51 2.08 1.41
CA PHE A 104 -5.51 2.47 2.36
C PHE A 104 -5.96 1.15 3.00
N SER A 105 -6.73 1.25 4.06
CA SER A 105 -7.24 0.07 4.73
C SER A 105 -8.72 -0.10 4.41
N ILE A 106 -9.14 -1.33 4.09
CA ILE A 106 -10.53 -1.62 3.75
C ILE A 106 -11.50 -1.41 4.94
N ASP A 107 -11.00 -1.54 6.18
CA ASP A 107 -11.82 -1.24 7.35
C ASP A 107 -11.85 0.25 7.74
N SER A 108 -11.24 1.12 6.94
CA SER A 108 -11.19 2.54 7.24
CA SER A 108 -11.18 2.55 7.24
C SER A 108 -11.50 3.41 6.02
N PRO A 109 -12.80 3.76 5.84
CA PRO A 109 -13.21 4.69 4.77
C PRO A 109 -12.42 6.02 4.79
N ASP A 110 -12.09 6.51 5.97
CA ASP A 110 -11.21 7.68 6.17
C ASP A 110 -9.84 7.54 5.46
N SER A 111 -9.22 6.37 5.54
CA SER A 111 -7.95 6.15 4.83
C SER A 111 -8.04 6.26 3.29
N LEU A 112 -9.19 5.86 2.73
CA LEU A 112 -9.45 6.02 1.30
C LEU A 112 -9.67 7.50 0.91
N GLU A 113 -10.43 8.25 1.72
CA GLU A 113 -10.63 9.71 1.53
C GLU A 113 -9.31 10.46 1.53
N ASN A 114 -8.38 10.02 2.38
CA ASN A 114 -7.02 10.59 2.42
C ASN A 114 -6.15 10.39 1.19
N ILE A 115 -6.55 9.46 0.32
CA ILE A 115 -5.81 9.17 -0.91
C ILE A 115 -5.69 10.43 -1.83
N PRO A 116 -6.83 11.02 -2.25
CA PRO A 116 -6.74 12.24 -3.07
C PRO A 116 -6.39 13.51 -2.26
N GLU A 117 -6.69 13.54 -0.96
CA GLU A 117 -6.45 14.73 -0.11
C GLU A 117 -4.98 14.85 0.33
N LYS A 118 -4.35 13.73 0.67
CA LYS A 118 -2.98 13.72 1.17
C LYS A 118 -1.94 13.02 0.29
N TRP A 119 -2.17 11.74 0.00
CA TRP A 119 -1.11 10.90 -0.58
C TRP A 119 -0.82 11.17 -2.04
N THR A 120 -1.87 11.38 -2.83
CA THR A 120 -1.71 11.67 -4.23
C THR A 120 -0.95 13.01 -4.51
N PRO A 121 -1.37 14.13 -3.89
CA PRO A 121 -0.61 15.37 -4.10
C PRO A 121 0.88 15.25 -3.68
N GLU A 122 1.16 14.53 -2.60
CA GLU A 122 2.54 14.35 -2.17
C GLU A 122 3.34 13.50 -3.18
N VAL A 123 2.81 12.33 -3.52
CA VAL A 123 3.49 11.43 -4.42
C VAL A 123 3.60 12.04 -5.82
N LYS A 124 2.55 12.69 -6.33
CA LYS A 124 2.66 13.34 -7.64
C LYS A 124 3.64 14.51 -7.66
N HIS A 125 3.74 15.21 -6.53
CA HIS A 125 4.74 16.29 -6.37
C HIS A 125 6.19 15.76 -6.44
N PHE A 126 6.49 14.77 -5.62
CA PHE A 126 7.87 14.29 -5.47
C PHE A 126 8.22 13.22 -6.49
N CYS A 127 7.19 12.54 -7.03
CA CYS A 127 7.40 11.43 -7.97
C CYS A 127 6.54 11.55 -9.24
N PRO A 128 6.71 12.67 -10.00
CA PRO A 128 5.89 12.81 -11.20
C PRO A 128 6.23 11.67 -12.17
N ASN A 129 5.22 11.08 -12.75
CA ASN A 129 5.43 10.02 -13.73
C ASN A 129 5.86 8.66 -13.16
N VAL A 130 5.94 8.52 -11.84
CA VAL A 130 6.14 7.21 -11.25
C VAL A 130 4.77 6.51 -11.19
N PRO A 131 4.68 5.26 -11.70
CA PRO A 131 3.41 4.51 -11.63
C PRO A 131 2.97 4.22 -10.18
N ILE A 132 1.69 4.44 -9.92
CA ILE A 132 1.10 4.22 -8.61
C ILE A 132 0.14 3.02 -8.70
N ILE A 133 0.34 2.05 -7.83
CA ILE A 133 -0.65 1.01 -7.62
C ILE A 133 -1.43 1.36 -6.35
N LEU A 134 -2.75 1.54 -6.49
CA LEU A 134 -3.61 1.76 -5.34
C LEU A 134 -3.99 0.41 -4.73
N VAL A 135 -3.72 0.25 -3.43
CA VAL A 135 -3.86 -1.03 -2.73
C VAL A 135 -4.81 -0.92 -1.54
N GLY A 136 -5.91 -1.67 -1.57
CA GLY A 136 -6.74 -1.85 -0.42
C GLY A 136 -6.22 -2.97 0.45
N ASN A 137 -5.75 -2.63 1.64
CA ASN A 137 -5.20 -3.58 2.62
C ASN A 137 -6.26 -4.13 3.60
N LYS A 138 -5.95 -5.23 4.29
CA LYS A 138 -6.87 -5.78 5.32
C LYS A 138 -8.21 -6.25 4.70
N LYS A 139 -8.12 -6.86 3.52
CA LYS A 139 -9.29 -7.37 2.81
C LYS A 139 -10.05 -8.35 3.70
N ASP A 140 -9.30 -9.05 4.56
CA ASP A 140 -9.90 -10.00 5.51
C ASP A 140 -10.97 -9.34 6.45
N LEU A 141 -10.94 -8.01 6.60
CA LEU A 141 -11.89 -7.32 7.50
C LEU A 141 -13.22 -6.94 6.84
N ARG A 142 -13.28 -7.01 5.51
CA ARG A 142 -14.52 -6.68 4.79
C ARG A 142 -15.72 -7.60 5.16
N GLN A 143 -15.45 -8.89 5.32
CA GLN A 143 -16.50 -9.88 5.69
C GLN A 143 -16.57 -10.25 7.16
N ASP A 144 -15.59 -9.83 7.92
CA ASP A 144 -15.55 -9.95 9.37
C ASP A 144 -16.78 -9.29 10.02
N GLU A 145 -17.65 -10.09 10.66
CA GLU A 145 -18.89 -9.54 11.23
C GLU A 145 -18.63 -8.56 12.36
N HIS A 146 -17.66 -8.86 13.22
CA HIS A 146 -17.26 -7.91 14.26
C HIS A 146 -16.90 -6.51 13.72
N THR A 147 -16.08 -6.43 12.67
CA THR A 147 -15.76 -5.17 12.00
C THR A 147 -17.00 -4.44 11.44
N ARG A 148 -17.82 -5.18 10.70
CA ARG A 148 -19.04 -4.64 10.12
C ARG A 148 -19.94 -3.99 11.19
N ARG A 149 -20.09 -4.68 12.33
CA ARG A 149 -20.97 -4.19 13.39
C ARG A 149 -20.40 -3.00 14.12
N GLU A 150 -19.08 -2.99 14.33
CA GLU A 150 -18.42 -1.81 14.87
C GLU A 150 -18.55 -0.59 13.97
N LEU A 151 -18.25 -0.76 12.68
CA LEU A 151 -18.38 0.32 11.72
C LEU A 151 -19.85 0.82 11.55
N ALA A 152 -20.83 -0.08 11.60
CA ALA A 152 -22.24 0.33 11.45
C ALA A 152 -22.68 1.24 12.59
N LYS A 153 -22.16 1.01 13.80
CA LYS A 153 -22.39 1.94 14.92
C LYS A 153 -21.97 3.37 14.60
N MET A 154 -21.00 3.52 13.70
CA MET A 154 -20.53 4.85 13.32
CA MET A 154 -20.50 4.84 13.28
C MET A 154 -21.13 5.29 11.97
N LYS A 155 -22.14 4.56 11.52
CA LYS A 155 -22.76 4.78 10.20
C LYS A 155 -21.73 4.66 9.06
N GLN A 156 -20.84 3.68 9.21
CA GLN A 156 -19.82 3.36 8.22
C GLN A 156 -19.90 1.89 7.85
N GLU A 157 -19.23 1.52 6.76
CA GLU A 157 -19.06 0.15 6.35
C GLU A 157 -17.66 -0.01 5.72
N PRO A 158 -17.16 -1.26 5.64
CA PRO A 158 -15.92 -1.48 4.91
C PRO A 158 -15.94 -0.85 3.50
N VAL A 159 -14.80 -0.34 3.04
CA VAL A 159 -14.70 0.13 1.66
C VAL A 159 -15.15 -0.97 0.66
N ARG A 160 -15.97 -0.56 -0.31
CA ARG A 160 -16.36 -1.42 -1.42
C ARG A 160 -15.28 -1.41 -2.50
N SER A 161 -15.07 -2.55 -3.18
CA SER A 161 -14.07 -2.62 -4.25
CA SER A 161 -14.05 -2.60 -4.21
C SER A 161 -14.29 -1.55 -5.30
N GLU A 162 -15.56 -1.26 -5.58
CA GLU A 162 -15.98 -0.25 -6.56
C GLU A 162 -15.48 1.15 -6.22
N GLU A 163 -15.54 1.51 -4.94
CA GLU A 163 -15.01 2.78 -4.45
C GLU A 163 -13.50 2.85 -4.64
N GLY A 164 -12.82 1.73 -4.40
CA GLY A 164 -11.39 1.62 -4.63
C GLY A 164 -11.06 1.77 -6.11
N ARG A 165 -11.75 1.04 -6.99
CA ARG A 165 -11.59 1.22 -8.46
C ARG A 165 -11.87 2.66 -8.95
N ASP A 166 -12.96 3.27 -8.47
CA ASP A 166 -13.29 4.63 -8.83
C ASP A 166 -12.17 5.57 -8.41
N MET A 167 -11.67 5.40 -7.19
CA MET A 167 -10.52 6.21 -6.74
C MET A 167 -9.25 6.00 -7.59
N ALA A 168 -8.94 4.76 -7.95
CA ALA A 168 -7.78 4.48 -8.80
C ALA A 168 -7.89 5.23 -10.16
N ASN A 169 -9.11 5.26 -10.73
CA ASN A 169 -9.37 6.01 -11.95
C ASN A 169 -9.25 7.52 -11.74
N ARG A 170 -9.81 8.02 -10.65
CA ARG A 170 -9.68 9.43 -10.30
C ARG A 170 -8.20 9.93 -10.21
N ILE A 171 -7.31 9.10 -9.63
CA ILE A 171 -5.92 9.52 -9.40
C ILE A 171 -4.98 9.01 -10.51
N SER A 172 -5.58 8.48 -11.58
CA SER A 172 -4.84 7.89 -12.70
C SER A 172 -3.82 6.82 -12.29
N ALA A 173 -4.21 5.95 -11.36
CA ALA A 173 -3.31 4.87 -10.90
C ALA A 173 -2.96 3.98 -12.08
N PHE A 174 -1.78 3.36 -12.00
CA PHE A 174 -1.41 2.25 -12.91
C PHE A 174 -2.35 1.03 -12.73
N GLY A 175 -2.79 0.80 -11.50
CA GLY A 175 -3.57 -0.38 -11.20
C GLY A 175 -4.28 -0.27 -9.87
N TYR A 176 -5.23 -1.18 -9.64
CA TYR A 176 -5.95 -1.29 -8.38
C TYR A 176 -6.01 -2.74 -7.95
N LEU A 177 -5.59 -2.96 -6.70
CA LEU A 177 -5.53 -4.29 -6.09
C LEU A 177 -6.03 -4.25 -4.65
N GLU A 178 -6.48 -5.41 -4.17
CA GLU A 178 -6.79 -5.61 -2.76
C GLU A 178 -6.00 -6.81 -2.23
N CYS A 179 -5.73 -6.81 -0.93
CA CYS A 179 -4.97 -7.89 -0.31
C CYS A 179 -5.22 -7.94 1.19
N SER A 180 -4.78 -9.03 1.81
CA SER A 180 -4.71 -9.17 3.25
C SER A 180 -3.33 -9.73 3.56
N ALA A 181 -2.45 -8.95 4.19
CA ALA A 181 -1.19 -9.50 4.70
C ALA A 181 -1.45 -10.61 5.73
N LYS A 182 -2.53 -10.48 6.50
CA LYS A 182 -2.86 -11.45 7.53
C LYS A 182 -3.13 -12.85 6.94
N THR A 183 -3.94 -12.95 5.90
CA THR A 183 -4.26 -14.26 5.31
C THR A 183 -3.33 -14.59 4.12
N LYS A 184 -2.66 -13.57 3.58
CA LYS A 184 -1.77 -13.69 2.44
C LYS A 184 -2.50 -13.55 1.10
N GLU A 185 -3.83 -13.49 1.14
CA GLU A 185 -4.65 -13.29 -0.07
C GLU A 185 -4.24 -12.04 -0.83
N GLY A 186 -3.92 -12.22 -2.10
CA GLY A 186 -3.59 -11.11 -3.00
C GLY A 186 -2.23 -10.46 -2.81
N VAL A 187 -1.44 -10.94 -1.85
CA VAL A 187 -0.12 -10.35 -1.52
C VAL A 187 0.91 -10.53 -2.64
N ARG A 188 1.08 -11.78 -3.09
CA ARG A 188 1.92 -12.07 -4.24
C ARG A 188 1.55 -11.21 -5.48
N GLU A 189 0.26 -11.13 -5.79
CA GLU A 189 -0.20 -10.29 -6.91
C GLU A 189 0.16 -8.80 -6.80
N VAL A 190 0.15 -8.24 -5.59
CA VAL A 190 0.51 -6.85 -5.40
C VAL A 190 1.94 -6.64 -5.94
N PHE A 191 2.85 -7.51 -5.55
CA PHE A 191 4.22 -7.34 -5.91
C PHE A 191 4.52 -7.80 -7.35
N GLU A 192 3.74 -8.72 -7.88
CA GLU A 192 3.80 -9.03 -9.31
C GLU A 192 3.42 -7.80 -10.16
N MET A 193 2.27 -7.17 -9.85
CA MET A 193 1.87 -5.93 -10.54
C MET A 193 2.89 -4.81 -10.34
N ALA A 194 3.44 -4.67 -9.13
CA ALA A 194 4.44 -3.63 -8.87
C ALA A 194 5.69 -3.80 -9.71
N THR A 195 6.13 -5.05 -9.85
CA THR A 195 7.33 -5.39 -10.61
C THR A 195 7.09 -5.08 -12.09
N ARG A 196 5.90 -5.45 -12.58
CA ARG A 196 5.50 -5.11 -13.93
C ARG A 196 5.44 -3.60 -14.19
N ALA A 197 4.81 -2.83 -13.31
CA ALA A 197 4.93 -1.36 -13.37
C ALA A 197 6.40 -0.90 -13.33
N GLY A 198 7.18 -1.44 -12.40
CA GLY A 198 8.62 -1.15 -12.28
C GLY A 198 9.44 -1.37 -13.55
N LEU A 199 9.18 -2.49 -14.22
CA LEU A 199 9.84 -2.84 -15.47
C LEU A 199 9.53 -1.90 -16.67
N GLN A 200 8.57 -0.96 -16.54
CA GLN A 200 8.29 -0.05 -17.68
C GLN A 200 8.98 1.34 -17.73
N VAL A 201 9.69 1.72 -16.68
CA VAL A 201 10.79 2.71 -16.79
C VAL A 201 11.89 2.37 -15.77
#